data_3WZI
#
_entry.id   3WZI
#
_cell.length_a   71.168
_cell.length_b   80.294
_cell.length_c   181.229
_cell.angle_alpha   90.00
_cell.angle_beta   90.00
_cell.angle_gamma   90.00
#
_symmetry.space_group_name_H-M   'I 21 21 21'
#
loop_
_entity.id
_entity.type
_entity.pdbx_description
1 polymer 'Uncharacterized protein AF_1864'
2 polymer ssRNA
3 water water
#
loop_
_entity_poly.entity_id
_entity_poly.type
_entity_poly.pdbx_seq_one_letter_code
_entity_poly.pdbx_strand_id
1 'polypeptide(L)'
;GSHMASMKFAVIDRKNFTLIHFEIEKPIKPEILKEIEIPSVDTRKGVVISGRGPIWLHCFLAHKYHHTPFVAVYDPRLGA
VVVQSHSELREGDVIDVVVEEILKGGVRHV
;
A,B
2 'polyribonucleotide' GUAA C
#
loop_
_chem_comp.id
_chem_comp.type
_chem_comp.name
_chem_comp.formula
A RNA linking ADENOSINE-5'-MONOPHOSPHATE 'C10 H14 N5 O7 P'
G RNA linking GUANOSINE-5'-MONOPHOSPHATE 'C10 H14 N5 O8 P'
U RNA linking URIDINE-5'-MONOPHOSPHATE 'C9 H13 N2 O9 P'
#
# COMPACT_ATOMS: atom_id res chain seq x y z
N ALA A 5 12.50 -11.87 -8.36
CA ALA A 5 13.78 -12.48 -8.85
C ALA A 5 15.05 -11.63 -8.46
N SER A 6 15.08 -10.37 -8.91
CA SER A 6 16.21 -9.41 -8.65
C SER A 6 15.92 -8.50 -7.41
N MET A 7 15.21 -9.07 -6.44
CA MET A 7 14.81 -8.38 -5.23
C MET A 7 14.80 -9.36 -4.07
N LYS A 8 15.47 -9.01 -2.99
CA LYS A 8 15.68 -9.95 -1.92
C LYS A 8 14.96 -9.56 -0.65
N PHE A 9 14.51 -10.55 0.10
CA PHE A 9 13.80 -10.34 1.35
C PHE A 9 14.54 -10.89 2.54
N ALA A 10 14.27 -10.30 3.71
CA ALA A 10 14.72 -10.81 5.00
C ALA A 10 13.56 -11.01 5.89
N VAL A 11 13.57 -12.06 6.65
CA VAL A 11 12.44 -12.37 7.45
C VAL A 11 12.87 -12.54 8.89
N ILE A 12 12.51 -11.59 9.74
CA ILE A 12 12.81 -11.64 11.12
C ILE A 12 11.53 -11.98 11.90
N ASP A 13 11.61 -13.03 12.70
CA ASP A 13 10.47 -13.45 13.48
C ASP A 13 10.56 -13.06 14.91
N ARG A 14 9.44 -12.58 15.42
CA ARG A 14 9.28 -12.25 16.83
C ARG A 14 7.94 -12.81 17.23
N LYS A 15 7.70 -13.00 18.51
CA LYS A 15 6.38 -13.47 19.03
C LYS A 15 5.21 -12.66 18.48
N ASN A 16 5.29 -11.35 18.56
CA ASN A 16 4.17 -10.51 18.15
C ASN A 16 4.04 -10.17 16.70
N PHE A 17 4.95 -10.59 15.87
CA PHE A 17 4.89 -10.27 14.46
C PHE A 17 6.13 -10.81 13.75
N THR A 18 6.07 -10.82 12.43
CA THR A 18 7.20 -11.18 11.70
C THR A 18 7.48 -10.00 10.83
N LEU A 19 8.70 -9.51 10.95
CA LEU A 19 9.09 -8.37 10.16
C LEU A 19 9.59 -8.90 8.86
N ILE A 20 9.26 -8.20 7.78
CA ILE A 20 9.71 -8.54 6.45
C ILE A 20 10.35 -7.33 5.84
N HIS A 21 11.65 -7.43 5.53
CA HIS A 21 12.38 -6.26 5.03
C HIS A 21 12.90 -6.58 3.71
N PHE A 22 12.65 -5.71 2.75
CA PHE A 22 13.12 -5.94 1.40
C PHE A 22 14.20 -4.95 0.99
N GLU A 23 14.99 -5.41 0.01
CA GLU A 23 16.01 -4.61 -0.57
C GLU A 23 15.90 -4.77 -2.03
N ILE A 24 16.14 -3.65 -2.70
CA ILE A 24 15.94 -3.55 -4.12
C ILE A 24 17.19 -3.08 -4.76
N GLU A 25 17.60 -3.77 -5.83
CA GLU A 25 18.72 -3.33 -6.64
C GLU A 25 18.19 -2.32 -7.65
N LYS A 26 18.77 -1.12 -7.61
CA LYS A 26 18.62 -0.09 -8.66
C LYS A 26 17.15 0.37 -8.84
N PRO A 27 16.73 0.72 -10.08
CA PRO A 27 15.32 0.97 -10.33
C PRO A 27 14.56 -0.33 -10.59
N ILE A 28 13.31 -0.35 -10.16
CA ILE A 28 12.40 -1.42 -10.46
C ILE A 28 11.37 -1.03 -11.50
N LYS A 29 10.90 -2.03 -12.25
CA LYS A 29 9.76 -1.90 -13.13
C LYS A 29 8.53 -2.68 -12.64
N PRO A 30 7.34 -2.20 -12.94
CA PRO A 30 6.16 -2.86 -12.34
C PRO A 30 6.05 -4.30 -12.75
N GLU A 31 6.45 -4.60 -13.96
CA GLU A 31 6.49 -5.95 -14.49
C GLU A 31 6.98 -6.94 -13.43
N ILE A 32 8.01 -6.56 -12.68
CA ILE A 32 8.57 -7.39 -11.64
C ILE A 32 7.52 -7.98 -10.70
N LEU A 33 6.36 -7.36 -10.55
CA LEU A 33 5.43 -7.89 -9.61
C LEU A 33 4.94 -9.27 -10.09
N LYS A 34 4.96 -9.50 -11.39
CA LYS A 34 4.55 -10.79 -11.95
C LYS A 34 5.43 -11.94 -11.49
N GLU A 35 6.62 -11.61 -11.01
CA GLU A 35 7.63 -12.59 -10.71
C GLU A 35 8.06 -12.65 -9.23
N ILE A 36 7.69 -11.71 -8.39
CA ILE A 36 8.06 -11.77 -6.96
C ILE A 36 7.54 -13.05 -6.27
N GLU A 37 8.43 -13.72 -5.55
CA GLU A 37 8.12 -14.93 -4.80
C GLU A 37 8.23 -14.50 -3.36
N ILE A 38 7.06 -14.33 -2.80
CA ILE A 38 6.86 -13.71 -1.52
C ILE A 38 7.27 -14.66 -0.42
N PRO A 39 8.00 -14.16 0.57
CA PRO A 39 8.33 -14.97 1.71
C PRO A 39 7.13 -15.60 2.37
N SER A 40 7.19 -16.87 2.69
CA SER A 40 6.09 -17.47 3.43
C SER A 40 6.31 -17.20 4.91
N VAL A 41 5.22 -17.08 5.63
CA VAL A 41 5.19 -16.48 6.94
C VAL A 41 4.27 -17.28 7.82
N ASP A 42 4.57 -17.34 9.11
CA ASP A 42 3.61 -17.86 10.10
C ASP A 42 2.31 -17.04 10.17
N THR A 43 1.20 -17.64 9.70
CA THR A 43 -0.13 -16.97 9.69
C THR A 43 -0.78 -16.75 11.03
N ARG A 44 -0.22 -17.25 12.10
CA ARG A 44 -0.76 -16.94 13.40
C ARG A 44 -0.16 -15.64 13.93
N LYS A 45 0.45 -14.84 13.06
CA LYS A 45 1.19 -13.61 13.41
C LYS A 45 0.97 -12.48 12.42
N GLY A 46 0.85 -11.28 12.93
CA GLY A 46 0.79 -10.14 12.03
C GLY A 46 2.16 -9.90 11.41
N VAL A 47 2.18 -9.07 10.41
CA VAL A 47 3.34 -8.86 9.58
C VAL A 47 3.70 -7.39 9.50
N VAL A 48 4.96 -7.07 9.54
CA VAL A 48 5.38 -5.68 9.36
C VAL A 48 6.25 -5.65 8.12
N ILE A 49 6.01 -4.70 7.27
CA ILE A 49 6.65 -4.65 6.01
C ILE A 49 7.54 -3.42 5.94
N SER A 50 8.80 -3.57 5.58
CA SER A 50 9.68 -2.41 5.44
C SER A 50 10.59 -2.61 4.27
N GLY A 51 11.18 -1.51 3.81
CA GLY A 51 11.95 -1.52 2.63
C GLY A 51 11.85 -0.23 1.90
N ARG A 52 12.93 0.23 1.24
CA ARG A 52 12.86 1.43 0.43
C ARG A 52 12.44 1.01 -0.92
N GLY A 53 11.26 1.45 -1.33
CA GLY A 53 10.79 1.14 -2.67
C GLY A 53 9.59 1.99 -2.93
N PRO A 54 9.08 1.99 -4.16
CA PRO A 54 7.93 2.77 -4.43
C PRO A 54 6.60 2.24 -3.77
N ILE A 55 5.58 3.10 -3.78
CA ILE A 55 4.36 2.81 -3.08
C ILE A 55 3.65 1.56 -3.58
N TRP A 56 3.59 1.40 -4.90
CA TRP A 56 3.01 0.19 -5.46
C TRP A 56 3.66 -1.11 -4.95
N LEU A 57 4.89 -1.05 -4.54
CA LEU A 57 5.50 -2.28 -4.16
C LEU A 57 4.96 -2.63 -2.82
N HIS A 58 4.99 -1.66 -1.93
CA HIS A 58 4.44 -1.82 -0.59
C HIS A 58 2.98 -2.22 -0.58
N CYS A 59 2.18 -1.55 -1.41
CA CYS A 59 0.80 -1.93 -1.47
C CYS A 59 0.69 -3.38 -1.91
N PHE A 60 1.32 -3.74 -3.00
CA PHE A 60 1.35 -5.12 -3.46
C PHE A 60 1.68 -6.10 -2.34
N LEU A 61 2.77 -5.83 -1.65
CA LEU A 61 3.22 -6.75 -0.63
C LEU A 61 2.21 -6.79 0.48
N ALA A 62 1.70 -5.64 0.91
CA ALA A 62 0.77 -5.60 2.04
C ALA A 62 -0.46 -6.42 1.75
N HIS A 63 -0.91 -6.37 0.52
CA HIS A 63 -2.07 -7.15 0.20
C HIS A 63 -1.87 -8.61 0.28
N LYS A 64 -0.67 -9.03 -0.07
CA LYS A 64 -0.37 -10.44 -0.15
C LYS A 64 -0.34 -11.04 1.21
N TYR A 65 -0.32 -10.22 2.26
CA TYR A 65 -0.34 -10.77 3.60
C TYR A 65 -1.61 -10.49 4.36
N HIS A 66 -2.66 -10.21 3.59
CA HIS A 66 -3.91 -9.84 4.20
C HIS A 66 -4.57 -10.91 5.03
N HIS A 67 -4.31 -12.14 4.72
CA HIS A 67 -4.84 -13.28 5.43
C HIS A 67 -4.24 -13.34 6.83
N THR A 68 -3.46 -12.37 7.26
CA THR A 68 -2.82 -12.48 8.59
C THR A 68 -3.51 -11.55 9.58
N PRO A 69 -3.29 -11.79 10.86
CA PRO A 69 -3.84 -10.98 11.90
C PRO A 69 -3.76 -9.47 11.65
N PHE A 70 -2.67 -9.02 11.03
CA PHE A 70 -2.59 -7.65 10.64
C PHE A 70 -1.45 -7.33 9.72
N VAL A 71 -1.49 -6.14 9.12
CA VAL A 71 -0.39 -5.69 8.29
C VAL A 71 -0.05 -4.28 8.70
N ALA A 72 1.21 -4.08 8.98
CA ALA A 72 1.67 -2.80 9.39
C ALA A 72 2.77 -2.41 8.44
N VAL A 73 2.87 -1.15 8.14
CA VAL A 73 3.76 -0.68 7.18
C VAL A 73 4.71 0.20 7.89
N TYR A 74 5.99 -0.04 7.73
CA TYR A 74 6.96 0.67 8.52
C TYR A 74 7.15 2.07 8.02
N ASP A 75 7.45 2.94 8.98
CA ASP A 75 7.77 4.32 8.74
C ASP A 75 8.81 4.75 9.79
N PRO A 76 10.06 5.03 9.33
CA PRO A 76 11.19 5.33 10.22
C PRO A 76 10.93 6.45 11.22
N ARG A 77 10.08 7.39 10.87
CA ARG A 77 9.67 8.48 11.76
C ARG A 77 8.75 8.04 12.92
N LEU A 78 7.92 7.03 12.72
CA LEU A 78 6.82 6.69 13.66
C LEU A 78 6.87 5.31 14.27
N GLY A 79 7.14 4.33 13.41
CA GLY A 79 7.18 2.93 13.78
C GLY A 79 6.40 2.20 12.74
N ALA A 80 5.73 1.15 13.14
CA ALA A 80 5.01 0.38 12.17
C ALA A 80 3.51 0.74 12.31
N VAL A 81 2.93 1.27 11.23
CA VAL A 81 1.57 1.68 11.23
C VAL A 81 0.68 0.56 10.76
N VAL A 82 -0.17 0.05 11.64
CA VAL A 82 -1.21 -0.91 11.19
C VAL A 82 -2.06 -0.29 10.06
N VAL A 83 -2.20 -0.96 8.94
CA VAL A 83 -3.05 -0.44 7.86
C VAL A 83 -4.24 -1.35 7.58
N GLN A 84 -4.24 -2.52 8.18
CA GLN A 84 -5.36 -3.42 8.04
C GLN A 84 -5.24 -4.44 9.15
N SER A 85 -6.37 -4.96 9.61
CA SER A 85 -6.30 -5.96 10.65
C SER A 85 -7.56 -6.82 10.78
N HIS A 86 -7.37 -8.01 11.32
CA HIS A 86 -8.39 -8.92 11.85
C HIS A 86 -8.14 -9.23 13.35
N SER A 87 -7.17 -8.58 13.97
CA SER A 87 -6.83 -8.86 15.33
C SER A 87 -7.26 -7.67 16.15
N GLU A 88 -6.80 -7.60 17.39
CA GLU A 88 -7.12 -6.50 18.27
C GLU A 88 -6.34 -5.25 17.99
N LEU A 89 -5.22 -5.33 17.28
CA LEU A 89 -4.66 -4.12 16.75
C LEU A 89 -5.60 -3.51 15.74
N ARG A 90 -5.80 -2.20 15.84
CA ARG A 90 -6.70 -1.47 14.96
C ARG A 90 -5.92 -0.64 13.97
N GLU A 91 -6.55 -0.31 12.85
CA GLU A 91 -5.87 0.51 11.87
C GLU A 91 -5.51 1.83 12.49
N GLY A 92 -4.37 2.37 12.13
CA GLY A 92 -3.89 3.58 12.80
C GLY A 92 -3.05 3.29 14.04
N ASP A 93 -3.18 2.13 14.66
CA ASP A 93 -2.29 1.78 15.76
C ASP A 93 -0.82 1.75 15.30
N VAL A 94 0.11 1.94 16.22
CA VAL A 94 1.52 1.97 15.91
C VAL A 94 2.30 0.98 16.77
N ILE A 95 2.96 0.04 16.10
CA ILE A 95 3.85 -0.91 16.72
C ILE A 95 5.27 -0.31 16.82
N ASP A 96 5.80 -0.37 18.03
CA ASP A 96 7.08 0.19 18.33
C ASP A 96 8.14 -0.81 17.90
N VAL A 97 8.81 -0.47 16.80
CA VAL A 97 9.86 -1.23 16.23
C VAL A 97 10.89 -0.29 15.67
N VAL A 98 12.18 -0.56 15.80
CA VAL A 98 13.11 0.21 15.00
C VAL A 98 13.92 -0.69 14.05
N VAL A 99 13.61 -0.61 12.77
CA VAL A 99 14.16 -1.57 11.82
C VAL A 99 15.64 -1.36 11.60
N GLU A 100 16.10 -0.10 11.58
CA GLU A 100 17.51 0.17 11.42
C GLU A 100 18.30 -0.53 12.50
N GLU A 101 17.65 -0.74 13.64
CA GLU A 101 18.30 -1.28 14.84
C GLU A 101 18.27 -2.75 14.89
N ILE A 102 17.20 -3.33 14.38
CA ILE A 102 17.06 -4.77 14.34
C ILE A 102 17.98 -5.41 13.30
N LEU A 103 18.22 -4.70 12.23
CA LEU A 103 19.07 -5.18 11.19
C LEU A 103 20.58 -4.94 11.47
N LYS A 104 20.92 -4.52 12.68
CA LYS A 104 22.32 -4.40 13.02
C LYS A 104 22.98 -5.74 13.07
N GLY A 105 24.22 -5.77 12.57
CA GLY A 105 25.04 -6.98 12.51
C GLY A 105 24.83 -7.62 11.15
N GLY A 106 23.71 -7.25 10.52
CA GLY A 106 23.44 -7.62 9.15
C GLY A 106 22.69 -8.90 9.07
N VAL A 107 21.81 -8.96 8.08
CA VAL A 107 20.91 -10.12 7.97
C VAL A 107 20.91 -10.73 6.57
N ARG A 108 21.01 -12.06 6.47
CA ARG A 108 20.95 -12.74 5.17
C ARG A 108 19.66 -12.43 4.44
N HIS A 109 19.81 -11.83 3.27
CA HIS A 109 18.69 -11.40 2.44
C HIS A 109 18.38 -12.42 1.38
N VAL A 110 17.47 -13.34 1.71
CA VAL A 110 17.02 -14.43 0.81
C VAL A 110 15.77 -14.03 0.00
N ALA B 5 -13.02 16.73 9.07
CA ALA B 5 -11.89 15.81 8.77
C ALA B 5 -10.68 16.58 8.21
N SER B 6 -9.51 15.96 8.29
CA SER B 6 -8.28 16.54 7.77
C SER B 6 -8.02 16.13 6.31
N MET B 7 -8.98 15.44 5.66
CA MET B 7 -8.67 14.84 4.38
C MET B 7 -9.83 14.75 3.41
N LYS B 8 -9.62 15.30 2.20
CA LYS B 8 -10.66 15.35 1.20
C LYS B 8 -10.37 14.46 0.00
N PHE B 9 -11.41 13.86 -0.57
CA PHE B 9 -11.33 13.00 -1.74
C PHE B 9 -12.05 13.58 -2.95
N ALA B 10 -11.61 13.19 -4.13
CA ALA B 10 -12.27 13.45 -5.41
C ALA B 10 -12.50 12.11 -6.13
N VAL B 11 -13.63 11.90 -6.76
CA VAL B 11 -13.81 10.69 -7.49
C VAL B 11 -14.18 10.98 -8.92
N ILE B 12 -13.29 10.60 -9.82
CA ILE B 12 -13.51 10.75 -11.22
C ILE B 12 -13.85 9.39 -11.74
N ASP B 13 -15.00 9.28 -12.37
CA ASP B 13 -15.45 7.98 -12.76
C ASP B 13 -15.42 7.86 -14.28
N ARG B 14 -15.00 6.69 -14.72
CA ARG B 14 -14.76 6.43 -16.16
C ARG B 14 -15.16 5.01 -16.44
N LYS B 15 -15.41 4.68 -17.71
CA LYS B 15 -15.86 3.32 -18.07
C LYS B 15 -14.94 2.28 -17.47
N ASN B 16 -13.61 2.45 -17.64
CA ASN B 16 -12.66 1.40 -17.22
C ASN B 16 -12.12 1.50 -15.79
N PHE B 17 -12.53 2.50 -15.02
CA PHE B 17 -12.14 2.58 -13.61
C PHE B 17 -12.76 3.78 -12.89
N THR B 18 -12.53 3.87 -11.58
CA THR B 18 -12.95 5.00 -10.85
C THR B 18 -11.70 5.51 -10.24
N LEU B 19 -11.29 6.71 -10.61
CA LEU B 19 -10.09 7.27 -10.04
C LEU B 19 -10.48 7.97 -8.78
N ILE B 20 -9.65 7.82 -7.76
CA ILE B 20 -9.87 8.42 -6.49
C ILE B 20 -8.61 9.16 -6.14
N HIS B 21 -8.73 10.46 -5.95
CA HIS B 21 -7.61 11.29 -5.67
C HIS B 21 -7.81 11.97 -4.37
N PHE B 22 -6.82 11.91 -3.49
CA PHE B 22 -6.93 12.55 -2.21
C PHE B 22 -5.99 13.68 -2.04
N GLU B 23 -6.37 14.57 -1.12
CA GLU B 23 -5.54 15.72 -0.75
C GLU B 23 -5.53 15.82 0.72
N ILE B 24 -4.37 16.20 1.22
CA ILE B 24 -4.06 16.21 2.62
C ILE B 24 -3.53 17.54 3.06
N GLU B 25 -3.97 17.93 4.24
CA GLU B 25 -3.63 19.19 4.84
C GLU B 25 -2.62 18.83 5.92
N LYS B 26 -1.48 19.54 5.93
CA LYS B 26 -0.50 19.43 7.01
C LYS B 26 0.27 18.12 6.92
N PRO B 27 1.03 17.78 7.99
CA PRO B 27 1.45 16.41 8.20
C PRO B 27 0.36 15.64 8.98
N ILE B 28 -0.05 14.52 8.41
CA ILE B 28 -0.99 13.63 9.04
C ILE B 28 -0.38 12.78 10.16
N LYS B 29 -1.24 12.34 11.07
CA LYS B 29 -0.90 11.33 12.04
C LYS B 29 -1.64 10.00 11.82
N PRO B 30 -1.06 8.88 12.22
CA PRO B 30 -1.69 7.62 11.89
C PRO B 30 -3.10 7.46 12.46
N GLU B 31 -3.31 8.02 13.64
CA GLU B 31 -4.62 8.06 14.29
C GLU B 31 -5.71 8.33 13.27
N ILE B 32 -5.47 9.25 12.37
CA ILE B 32 -6.45 9.60 11.37
C ILE B 32 -7.08 8.41 10.63
N LEU B 33 -6.42 7.29 10.57
CA LEU B 33 -6.96 6.21 9.80
C LEU B 33 -8.22 5.69 10.48
N LYS B 34 -8.33 5.85 11.79
CA LYS B 34 -9.52 5.46 12.53
C LYS B 34 -10.77 6.25 12.10
N GLU B 35 -10.59 7.39 11.46
CA GLU B 35 -11.64 8.32 11.11
C GLU B 35 -11.95 8.49 9.65
N ILE B 36 -11.08 8.08 8.73
CA ILE B 36 -11.36 8.31 7.31
C ILE B 36 -12.67 7.62 6.83
N GLU B 37 -13.49 8.40 6.14
CA GLU B 37 -14.75 7.90 5.60
C GLU B 37 -14.57 7.85 4.12
N ILE B 38 -14.46 6.62 3.66
CA ILE B 38 -14.04 6.28 2.30
C ILE B 38 -15.11 6.38 1.24
N PRO B 39 -14.77 7.00 0.12
CA PRO B 39 -15.73 7.19 -0.95
C PRO B 39 -16.29 5.87 -1.43
N SER B 40 -17.58 5.74 -1.62
CA SER B 40 -18.16 4.47 -2.10
C SER B 40 -18.30 4.55 -3.61
N VAL B 41 -18.01 3.43 -4.25
CA VAL B 41 -17.66 3.37 -5.66
C VAL B 41 -18.38 2.23 -6.34
N ASP B 42 -18.63 2.41 -7.63
CA ASP B 42 -19.23 1.41 -8.49
C ASP B 42 -18.32 0.15 -8.55
N THR B 43 -18.81 -0.93 -7.96
CA THR B 43 -18.08 -2.20 -7.87
C THR B 43 -17.99 -2.93 -9.16
N ARG B 44 -18.62 -2.49 -10.23
CA ARG B 44 -18.38 -3.19 -11.47
C ARG B 44 -17.07 -2.65 -12.15
N LYS B 45 -16.26 -1.92 -11.38
CA LYS B 45 -15.11 -1.20 -11.86
C LYS B 45 -13.93 -1.24 -10.92
N GLY B 46 -12.77 -1.42 -11.50
CA GLY B 46 -11.54 -1.30 -10.69
C GLY B 46 -11.36 0.11 -10.23
N VAL B 47 -10.48 0.30 -9.28
CA VAL B 47 -10.19 1.61 -8.70
C VAL B 47 -8.71 2.04 -8.92
N VAL B 48 -8.47 3.31 -9.08
CA VAL B 48 -7.10 3.81 -9.09
C VAL B 48 -7.01 4.80 -7.98
N ILE B 49 -5.92 4.75 -7.25
CA ILE B 49 -5.77 5.61 -6.08
C ILE B 49 -4.58 6.53 -6.26
N SER B 50 -4.76 7.82 -6.03
CA SER B 50 -3.66 8.75 -6.14
C SER B 50 -3.78 9.79 -5.07
N GLY B 51 -2.68 10.52 -4.83
CA GLY B 51 -2.63 11.51 -3.78
C GLY B 51 -1.27 11.57 -3.19
N ARG B 52 -0.81 12.74 -2.76
CA ARG B 52 0.50 12.80 -2.10
C ARG B 52 0.27 12.50 -0.64
N GLY B 53 0.85 11.43 -0.17
CA GLY B 53 0.77 11.12 1.25
C GLY B 53 1.69 9.96 1.55
N PRO B 54 1.81 9.60 2.79
CA PRO B 54 2.71 8.56 3.11
C PRO B 54 2.23 7.20 2.71
N ILE B 55 3.13 6.23 2.78
CA ILE B 55 2.86 4.93 2.27
C ILE B 55 1.70 4.27 2.97
N TRP B 56 1.72 4.34 4.28
CA TRP B 56 0.65 3.71 5.07
C TRP B 56 -0.75 4.23 4.71
N LEU B 57 -0.85 5.43 4.18
CA LEU B 57 -2.13 5.91 3.83
C LEU B 57 -2.57 5.17 2.60
N HIS B 58 -1.72 5.15 1.59
CA HIS B 58 -2.01 4.43 0.36
C HIS B 58 -2.36 2.97 0.60
N CYS B 59 -1.59 2.33 1.43
CA CYS B 59 -1.81 0.91 1.65
C CYS B 59 -3.13 0.70 2.31
N PHE B 60 -3.38 1.45 3.37
CA PHE B 60 -4.71 1.50 3.96
C PHE B 60 -5.78 1.67 2.91
N LEU B 61 -5.67 2.72 2.11
CA LEU B 61 -6.70 2.97 1.14
C LEU B 61 -6.88 1.79 0.17
N ALA B 62 -5.78 1.26 -0.32
CA ALA B 62 -5.89 0.25 -1.32
C ALA B 62 -6.62 -0.94 -0.77
N HIS B 63 -6.41 -1.19 0.50
CA HIS B 63 -7.05 -2.33 1.11
C HIS B 63 -8.54 -2.18 1.13
N LYS B 64 -8.96 -0.95 1.34
CA LYS B 64 -10.33 -0.68 1.57
C LYS B 64 -11.11 -0.83 0.31
N TYR B 65 -10.45 -0.94 -0.84
CA TYR B 65 -11.20 -1.15 -2.11
C TYR B 65 -11.01 -2.54 -2.68
N HIS B 66 -10.60 -3.44 -1.81
CA HIS B 66 -10.24 -4.73 -2.30
C HIS B 66 -11.38 -5.55 -2.78
N HIS B 67 -12.57 -5.16 -2.41
CA HIS B 67 -13.80 -5.78 -2.85
C HIS B 67 -14.05 -5.46 -4.31
N THR B 68 -13.22 -4.66 -4.98
CA THR B 68 -13.46 -4.30 -6.42
C THR B 68 -12.64 -5.17 -7.39
N PRO B 69 -12.91 -5.06 -8.68
CA PRO B 69 -12.19 -5.80 -9.72
C PRO B 69 -10.66 -5.65 -9.66
N PHE B 70 -10.17 -4.49 -9.25
CA PHE B 70 -8.75 -4.31 -9.11
C PHE B 70 -8.42 -3.07 -8.40
N VAL B 71 -7.18 -2.98 -7.93
CA VAL B 71 -6.70 -1.77 -7.36
C VAL B 71 -5.31 -1.42 -8.01
N ALA B 72 -5.17 -0.19 -8.42
CA ALA B 72 -3.99 0.27 -9.00
C ALA B 72 -3.60 1.47 -8.23
N VAL B 73 -2.31 1.65 -8.11
CA VAL B 73 -1.77 2.70 -7.31
C VAL B 73 -1.05 3.59 -8.24
N TYR B 74 -1.37 4.88 -8.21
CA TYR B 74 -0.81 5.78 -9.17
C TYR B 74 0.63 6.10 -8.87
N ASP B 75 1.36 6.30 -9.96
CA ASP B 75 2.75 6.72 -9.96
C ASP B 75 3.01 7.67 -11.14
N PRO B 76 3.30 8.94 -10.86
CA PRO B 76 3.37 9.99 -11.85
C PRO B 76 4.34 9.71 -12.96
N ARG B 77 5.39 8.94 -12.66
CA ARG B 77 6.37 8.46 -13.66
C ARG B 77 5.85 7.41 -14.63
N LEU B 78 4.94 6.54 -14.21
CA LEU B 78 4.56 5.36 -15.00
C LEU B 78 3.13 5.28 -15.42
N GLY B 79 2.28 5.63 -14.49
CA GLY B 79 0.83 5.46 -14.67
C GLY B 79 0.28 4.72 -13.47
N ALA B 80 -0.74 3.92 -13.69
CA ALA B 80 -1.39 3.33 -12.55
C ALA B 80 -1.01 1.86 -12.50
N VAL B 81 -0.32 1.48 -11.42
CA VAL B 81 0.20 0.12 -11.31
C VAL B 81 -0.86 -0.75 -10.62
N VAL B 82 -1.41 -1.71 -11.33
CA VAL B 82 -2.17 -2.71 -10.68
C VAL B 82 -1.40 -3.40 -9.52
N VAL B 83 -2.02 -3.53 -8.35
CA VAL B 83 -1.42 -4.23 -7.20
C VAL B 83 -2.33 -5.28 -6.59
N GLN B 84 -3.53 -5.38 -7.09
CA GLN B 84 -4.45 -6.48 -6.69
C GLN B 84 -5.31 -6.68 -7.88
N SER B 85 -5.66 -7.92 -8.21
CA SER B 85 -6.73 -8.05 -9.19
C SER B 85 -7.61 -9.33 -9.15
N HIS B 86 -8.89 -9.15 -9.57
CA HIS B 86 -9.87 -10.19 -9.88
C HIS B 86 -10.49 -9.99 -11.28
N SER B 87 -9.97 -9.06 -12.05
CA SER B 87 -10.40 -8.89 -13.42
C SER B 87 -9.29 -9.41 -14.35
N GLU B 88 -9.38 -9.06 -15.63
CA GLU B 88 -8.40 -9.37 -16.67
C GLU B 88 -7.06 -8.80 -16.31
N LEU B 89 -7.01 -7.58 -15.80
CA LEU B 89 -5.73 -6.96 -15.49
C LEU B 89 -4.95 -7.79 -14.52
N ARG B 90 -3.63 -7.89 -14.74
CA ARG B 90 -2.73 -8.68 -13.89
C ARG B 90 -1.88 -7.75 -13.03
N GLU B 91 -1.42 -8.23 -11.90
CA GLU B 91 -0.58 -7.41 -11.05
C GLU B 91 0.69 -7.03 -11.78
N GLY B 92 1.15 -5.82 -11.60
CA GLY B 92 2.30 -5.33 -12.40
C GLY B 92 1.86 -4.64 -13.67
N ASP B 93 0.64 -4.92 -14.19
CA ASP B 93 0.13 -4.22 -15.37
C ASP B 93 0.04 -2.76 -15.07
N VAL B 94 0.07 -1.94 -16.11
CA VAL B 94 0.03 -0.48 -15.96
C VAL B 94 -1.11 0.12 -16.78
N ILE B 95 -2.02 0.78 -16.09
CA ILE B 95 -3.09 1.51 -16.71
C ILE B 95 -2.57 2.91 -17.07
N ASP B 96 -2.81 3.29 -18.32
CA ASP B 96 -2.37 4.55 -18.82
C ASP B 96 -3.32 5.71 -18.50
N VAL B 97 -3.00 6.46 -17.46
CA VAL B 97 -3.76 7.63 -17.08
C VAL B 97 -2.83 8.74 -16.63
N VAL B 98 -3.15 10.01 -16.89
CA VAL B 98 -2.30 11.04 -16.26
C VAL B 98 -3.12 11.90 -15.33
N VAL B 99 -2.87 11.77 -14.04
CA VAL B 99 -3.74 12.38 -13.04
C VAL B 99 -3.58 13.88 -13.01
N GLU B 100 -2.37 14.39 -13.19
CA GLU B 100 -2.16 15.83 -13.19
C GLU B 100 -2.96 16.45 -14.28
N GLU B 101 -3.26 15.66 -15.30
CA GLU B 101 -3.95 16.13 -16.50
C GLU B 101 -5.44 16.02 -16.40
N ILE B 102 -5.90 14.99 -15.72
CA ILE B 102 -7.30 14.78 -15.53
C ILE B 102 -7.89 15.76 -14.52
N LEU B 103 -7.04 16.24 -13.61
CA LEU B 103 -7.45 17.23 -12.65
C LEU B 103 -7.35 18.66 -13.11
N LYS B 104 -7.07 18.91 -14.38
CA LYS B 104 -7.02 20.31 -14.83
C LYS B 104 -8.40 20.88 -14.90
N GLY B 105 -8.50 22.14 -14.48
CA GLY B 105 -9.77 22.87 -14.40
C GLY B 105 -10.32 22.85 -12.97
N GLY B 106 -9.80 21.92 -12.18
CA GLY B 106 -10.17 21.82 -10.80
C GLY B 106 -11.33 20.86 -10.65
N VAL B 107 -11.25 20.06 -9.61
CA VAL B 107 -12.28 19.12 -9.31
C VAL B 107 -12.69 19.27 -7.87
N ARG B 108 -14.00 19.37 -7.61
CA ARG B 108 -14.51 19.48 -6.24
C ARG B 108 -14.06 18.30 -5.39
N HIS B 109 -13.34 18.62 -4.33
CA HIS B 109 -12.77 17.67 -3.39
C HIS B 109 -13.61 17.52 -2.17
N VAL B 110 -14.50 16.54 -2.25
CA VAL B 110 -15.46 16.23 -1.20
C VAL B 110 -14.92 15.13 -0.25
#